data_3SIG
#
_entry.id   3SIG
#
_cell.length_a   50.130
_cell.length_b   106.390
_cell.length_c   44.160
_cell.angle_alpha   90.00
_cell.angle_beta   90.00
_cell.angle_gamma   90.00
#
_symmetry.space_group_name_H-M   'P 21 21 21'
#
loop_
_entity.id
_entity.type
_entity.pdbx_description
1 polymer 'poly(ADP-ribose) glycohydrolase'
2 non-polymer '[(2R,3S,4R,5R)-5-(6-AMINOPURIN-9-YL)-3,4-DIHYDROXY-OXOLAN-2-YL]METHYL [HYDROXY-[[(2R,3S,4R,5S)-3,4,5-TRIHYDROXYOXOLAN-2-YL]METHOXY]PHOSPHORYL] HYDROGEN PHOSPHATE'
3 water water
#
_entity_poly.entity_id   1
_entity_poly.type   'polypeptide(L)'
_entity_poly.pdbx_seq_one_letter_code
;RHSRRAIAAETVEILERGRYTAPSGRVVPIADHVAQAVRGTRLYRPEKLAVLLEGLGAASDGAPTRIEVTEETTLAAARR
LTGAAGDQVACLNFASAEHPGGGFLSGAHAQEEGLARSSGLYASLRAVPQFYAFHHRQRDPLYSDHLIYSPGVPVFRDDA
GRLLEEPYRVAFLTSPAPNRRAIGDLRTVEEIGRVLRGRAAKVLAAARHHGHRRLVLGAWGCGVFGNDPAQVAETFAGLL
LDGGPFAGRFAHVVFAVWDTAPGAPRHAAFARRFGSL
;
_entity_poly.pdbx_strand_id   A
#
loop_
_chem_comp.id
_chem_comp.type
_chem_comp.name
_chem_comp.formula
AR6 non-polymer '[(2R,3S,4R,5R)-5-(6-AMINOPURIN-9-YL)-3,4-DIHYDROXY-OXOLAN-2-YL]METHYL [HYDROXY-[[(2R,3S,4R,5S)-3,4,5-TRIHYDROXYOXOLAN-2-YL]METHOXY]PHOSPHORYL] HYDROGEN PHOSPHATE' 'C15 H23 N5 O14 P2'
#
# COMPACT_ATOMS: atom_id res chain seq x y z
N ARG A 1 18.46 11.38 3.66
CA ARG A 1 17.27 12.23 3.59
C ARG A 1 17.34 13.27 2.47
N HIS A 2 18.51 13.85 2.25
CA HIS A 2 18.58 14.85 1.21
C HIS A 2 18.37 14.23 -0.17
N SER A 3 18.93 13.05 -0.40
CA SER A 3 18.76 12.40 -1.68
C SER A 3 17.30 12.00 -1.91
N ARG A 4 16.65 11.48 -0.87
CA ARG A 4 15.22 11.18 -0.94
C ARG A 4 14.39 12.44 -1.21
N ARG A 5 14.73 13.56 -0.60
CA ARG A 5 14.02 14.80 -0.83
C ARG A 5 14.17 15.22 -2.30
N ALA A 6 15.39 15.11 -2.85
CA ALA A 6 15.62 15.45 -4.24
C ALA A 6 14.83 14.55 -5.19
N ILE A 7 14.81 13.27 -4.92
CA ILE A 7 14.04 12.34 -5.74
C ILE A 7 12.54 12.65 -5.69
N ALA A 8 12.04 12.92 -4.49
CA ALA A 8 10.64 13.32 -4.35
C ALA A 8 10.29 14.55 -5.16
N ALA A 9 11.13 15.57 -5.14
CA ALA A 9 10.86 16.76 -5.91
C ALA A 9 10.90 16.46 -7.41
N GLU A 10 11.84 15.61 -7.82
CA GLU A 10 11.92 15.25 -9.24
C GLU A 10 10.64 14.51 -9.66
N THR A 11 10.13 13.64 -8.79
CA THR A 11 8.90 12.92 -9.11
C THR A 11 7.73 13.90 -9.25
N VAL A 12 7.61 14.86 -8.35
CA VAL A 12 6.58 15.87 -8.52
C VAL A 12 6.72 16.63 -9.84
N GLU A 13 7.94 16.97 -10.24
CA GLU A 13 8.19 17.63 -11.54
C GLU A 13 7.72 16.73 -12.70
N ILE A 14 8.06 15.46 -12.60
CA ILE A 14 7.69 14.47 -13.62
C ILE A 14 6.18 14.39 -13.74
N LEU A 15 5.49 14.39 -12.60
CA LEU A 15 4.04 14.28 -12.62
C LEU A 15 3.42 15.55 -13.21
N GLU A 16 4.06 16.71 -13.05
CA GLU A 16 3.56 17.93 -13.69
C GLU A 16 3.84 17.94 -15.20
N ARG A 17 5.05 17.57 -15.61
CA ARG A 17 5.47 17.69 -17.00
C ARG A 17 4.91 16.55 -17.85
N GLY A 18 4.58 15.43 -17.23
CA GLY A 18 3.98 14.31 -17.93
C GLY A 18 4.95 13.38 -18.66
N ARG A 19 6.24 13.45 -18.36
CA ARG A 19 7.23 12.57 -19.01
C ARG A 19 8.49 12.59 -18.13
N TYR A 20 9.34 11.58 -18.32
CA TYR A 20 10.64 11.55 -17.67
C TYR A 20 11.66 10.96 -18.61
N THR A 21 12.94 11.15 -18.28
CA THR A 21 14.01 10.61 -19.06
C THR A 21 14.64 9.41 -18.36
N ALA A 22 14.58 8.24 -19.00
CA ALA A 22 15.16 7.03 -18.47
C ALA A 22 16.68 7.04 -18.65
N PRO A 23 17.37 6.10 -17.98
CA PRO A 23 18.83 6.14 -18.05
C PRO A 23 19.41 5.94 -19.44
N SER A 24 18.70 5.22 -20.30
CA SER A 24 19.15 5.03 -21.69
C SER A 24 19.07 6.32 -22.46
N GLY A 25 18.30 7.27 -21.97
CA GLY A 25 17.99 8.48 -22.71
C GLY A 25 16.60 8.49 -23.29
N ARG A 26 15.93 7.34 -23.31
CA ARG A 26 14.54 7.26 -23.75
C ARG A 26 13.69 8.23 -22.93
N VAL A 27 12.84 9.01 -23.61
CA VAL A 27 11.89 9.88 -22.94
C VAL A 27 10.54 9.15 -22.88
N VAL A 28 10.12 8.88 -21.67
CA VAL A 28 8.96 8.07 -21.41
C VAL A 28 7.75 8.93 -21.05
N PRO A 29 6.65 8.83 -21.83
CA PRO A 29 5.44 9.60 -21.53
C PRO A 29 4.60 8.94 -20.44
N ILE A 30 4.11 9.71 -19.47
CA ILE A 30 3.27 9.14 -18.41
C ILE A 30 2.00 9.96 -18.17
N ALA A 31 1.80 11.08 -18.85
CA ALA A 31 0.69 11.94 -18.49
C ALA A 31 -0.65 11.24 -18.62
N ASP A 32 -0.86 10.49 -19.68
CA ASP A 32 -2.14 9.84 -19.88
C ASP A 32 -2.40 8.81 -18.78
N HIS A 33 -1.43 7.97 -18.49
CA HIS A 33 -1.65 6.97 -17.44
C HIS A 33 -1.85 7.61 -16.08
N VAL A 34 -1.12 8.68 -15.77
CA VAL A 34 -1.32 9.38 -14.49
C VAL A 34 -2.71 9.97 -14.43
N ALA A 35 -3.14 10.65 -15.48
CA ALA A 35 -4.49 11.24 -15.54
C ALA A 35 -5.57 10.19 -15.40
N GLN A 36 -5.39 9.02 -16.01
CA GLN A 36 -6.34 7.94 -15.90
C GLN A 36 -6.41 7.46 -14.45
N ALA A 37 -5.27 7.27 -13.82
CA ALA A 37 -5.25 6.84 -12.43
C ALA A 37 -5.97 7.85 -11.54
N VAL A 38 -5.73 9.14 -11.73
CA VAL A 38 -6.38 10.15 -10.91
C VAL A 38 -7.89 10.13 -11.13
N ARG A 39 -8.30 10.11 -12.39
CA ARG A 39 -9.74 10.15 -12.71
C ARG A 39 -10.49 8.91 -12.22
N GLY A 40 -9.77 7.80 -12.09
CA GLY A 40 -10.34 6.55 -11.62
C GLY A 40 -10.27 6.36 -10.11
N THR A 41 -9.64 7.29 -9.42
CA THR A 41 -9.47 7.18 -7.96
C THR A 41 -10.78 7.30 -7.24
N ARG A 42 -11.00 6.42 -6.27
CA ARG A 42 -12.25 6.41 -5.53
C ARG A 42 -12.01 6.36 -4.04
N LEU A 43 -12.78 7.13 -3.31
CA LEU A 43 -12.85 7.04 -1.86
C LEU A 43 -13.96 6.11 -1.44
N TYR A 44 -13.64 5.09 -0.67
CA TYR A 44 -14.63 4.21 -0.05
C TYR A 44 -14.79 4.54 1.41
N ARG A 45 -16.00 4.90 1.82
CA ARG A 45 -16.33 5.09 3.23
C ARG A 45 -16.47 3.73 3.90
N PRO A 46 -16.34 3.71 5.24
CA PRO A 46 -16.37 2.45 5.97
C PRO A 46 -17.59 1.60 5.66
N GLU A 47 -18.75 2.23 5.52
CA GLU A 47 -19.99 1.49 5.37
C GLU A 47 -20.18 0.93 3.96
N LYS A 48 -19.54 1.54 2.96
CA LYS A 48 -19.59 1.00 1.63
C LYS A 48 -18.74 -0.30 1.56
N LEU A 49 -17.59 -0.27 2.22
CA LEU A 49 -16.75 -1.47 2.30
C LEU A 49 -17.47 -2.58 3.09
N ALA A 50 -18.20 -2.20 4.13
CA ALA A 50 -18.99 -3.17 4.89
C ALA A 50 -20.03 -3.83 3.99
N VAL A 51 -20.65 -3.05 3.10
CA VAL A 51 -21.56 -3.65 2.13
C VAL A 51 -20.86 -4.66 1.22
N LEU A 52 -19.64 -4.35 0.77
CA LEU A 52 -18.87 -5.32 -0.05
C LEU A 52 -18.66 -6.65 0.70
N LEU A 53 -18.42 -6.56 2.00
CA LEU A 53 -18.18 -7.76 2.81
C LEU A 53 -19.41 -8.65 3.00
N GLU A 54 -20.62 -8.10 2.85
CA GLU A 54 -21.83 -8.92 2.90
C GLU A 54 -21.92 -9.72 1.62
N GLY A 55 -21.40 -9.16 0.54
CA GLY A 55 -21.41 -9.81 -0.75
C GLY A 55 -20.34 -10.88 -0.85
N THR A 65 -4.91 -20.76 -3.24
CA THR A 65 -4.13 -19.52 -3.34
C THR A 65 -2.64 -19.78 -3.14
N ARG A 66 -1.81 -19.22 -4.01
N ARG A 66 -1.80 -19.26 -4.04
CA ARG A 66 -0.35 -19.22 -3.85
CA ARG A 66 -0.38 -19.24 -3.78
C ARG A 66 0.04 -18.11 -2.86
C ARG A 66 -0.14 -18.15 -2.76
N ILE A 67 0.59 -18.48 -1.70
CA ILE A 67 0.98 -17.52 -0.68
C ILE A 67 2.49 -17.57 -0.53
N GLU A 68 3.16 -16.44 -0.71
CA GLU A 68 4.62 -16.34 -0.60
C GLU A 68 4.94 -15.27 0.46
N VAL A 69 5.97 -15.50 1.25
CA VAL A 69 6.57 -14.46 2.08
C VAL A 69 7.95 -14.23 1.50
N THR A 70 8.28 -12.97 1.18
CA THR A 70 9.57 -12.65 0.60
C THR A 70 10.15 -11.45 1.31
N GLU A 71 11.43 -11.20 1.06
CA GLU A 71 12.09 -9.99 1.57
C GLU A 71 12.08 -8.85 0.57
N GLU A 72 11.24 -8.96 -0.45
CA GLU A 72 11.09 -7.93 -1.44
C GLU A 72 10.46 -6.69 -0.84
N THR A 73 10.79 -5.56 -1.43
CA THR A 73 9.98 -4.38 -1.23
C THR A 73 8.61 -4.59 -1.89
N THR A 74 7.64 -3.79 -1.47
CA THR A 74 6.32 -3.77 -2.11
C THR A 74 6.46 -3.66 -3.62
N LEU A 75 7.20 -2.68 -4.07
CA LEU A 75 7.32 -2.46 -5.51
C LEU A 75 8.05 -3.56 -6.23
N ALA A 76 9.06 -4.16 -5.63
CA ALA A 76 9.79 -5.23 -6.30
C ALA A 76 8.86 -6.42 -6.50
N ALA A 77 8.09 -6.75 -5.48
CA ALA A 77 7.15 -7.85 -5.61
C ALA A 77 6.13 -7.53 -6.68
N ALA A 78 5.58 -6.33 -6.69
CA ALA A 78 4.61 -5.92 -7.70
C ALA A 78 5.18 -6.02 -9.10
N ARG A 79 6.44 -5.62 -9.27
CA ARG A 79 7.07 -5.67 -10.59
C ARG A 79 7.24 -7.10 -11.06
N ARG A 80 7.67 -7.98 -10.16
CA ARG A 80 7.85 -9.38 -10.46
C ARG A 80 6.54 -10.00 -10.93
N LEU A 81 5.47 -9.78 -10.17
CA LEU A 81 4.18 -10.34 -10.53
C LEU A 81 3.67 -9.75 -11.85
N THR A 82 3.88 -8.47 -12.06
CA THR A 82 3.35 -7.80 -13.24
C THR A 82 4.04 -8.34 -14.51
N GLY A 83 5.29 -8.75 -14.40
CA GLY A 83 6.01 -9.29 -15.55
C GLY A 83 5.49 -10.68 -15.94
N ALA A 84 4.82 -11.37 -15.02
CA ALA A 84 4.50 -12.79 -15.19
C ALA A 84 3.10 -13.06 -15.71
N ALA A 85 2.22 -12.08 -15.69
CA ALA A 85 0.85 -12.26 -16.17
C ALA A 85 0.20 -10.90 -16.39
N GLY A 86 -0.85 -10.83 -17.18
CA GLY A 86 -1.40 -9.56 -17.60
C GLY A 86 -2.45 -8.92 -16.69
N ASP A 87 -2.88 -9.60 -15.63
CA ASP A 87 -3.91 -9.03 -14.76
C ASP A 87 -3.21 -8.06 -13.80
N GLN A 88 -3.80 -6.87 -13.66
CA GLN A 88 -3.22 -5.83 -12.81
C GLN A 88 -3.16 -6.22 -11.32
N VAL A 89 -2.00 -6.08 -10.74
CA VAL A 89 -1.74 -6.44 -9.35
C VAL A 89 -2.22 -5.29 -8.46
N ALA A 90 -2.73 -5.60 -7.27
CA ALA A 90 -3.05 -4.57 -6.26
C ALA A 90 -2.08 -4.65 -5.11
N CYS A 91 -1.66 -3.50 -4.61
CA CYS A 91 -0.72 -3.36 -3.52
C CYS A 91 -1.28 -2.51 -2.39
N LEU A 92 -1.09 -2.97 -1.17
CA LEU A 92 -1.44 -2.18 0.01
C LEU A 92 -0.37 -1.13 0.30
N ASN A 93 -0.80 0.13 0.32
CA ASN A 93 -0.03 1.27 0.80
C ASN A 93 -0.23 1.40 2.29
N PHE A 94 0.89 1.35 3.04
CA PHE A 94 0.84 1.42 4.49
C PHE A 94 0.72 2.92 4.84
N ALA A 95 -0.51 3.39 4.75
CA ALA A 95 -0.78 4.80 4.58
C ALA A 95 -0.69 5.62 5.84
N SER A 96 -0.31 6.89 5.66
CA SER A 96 -0.60 7.96 6.58
C SER A 96 -2.09 8.27 6.49
N ALA A 97 -2.71 8.50 7.64
CA ALA A 97 -4.09 8.98 7.67
C ALA A 97 -4.21 10.46 7.36
N GLU A 98 -3.10 11.17 7.44
CA GLU A 98 -3.09 12.64 7.50
C GLU A 98 -2.43 13.33 6.31
N HIS A 99 -1.48 12.70 5.63
CA HIS A 99 -0.75 13.32 4.53
C HIS A 99 -0.58 12.37 3.37
N PRO A 100 -1.00 12.80 2.18
CA PRO A 100 -0.89 11.90 1.00
C PRO A 100 0.57 11.69 0.61
N GLY A 101 1.04 10.46 0.57
CA GLY A 101 2.45 10.19 0.35
C GLY A 101 3.30 10.38 1.62
N GLY A 102 2.64 10.57 2.77
CA GLY A 102 3.35 10.68 4.01
C GLY A 102 4.30 11.85 4.00
N GLY A 103 5.51 11.62 4.48
CA GLY A 103 6.53 12.67 4.51
C GLY A 103 7.46 12.68 3.28
N PHE A 104 7.00 12.20 2.13
CA PHE A 104 7.96 11.94 1.08
C PHE A 104 8.71 13.17 0.65
N LEU A 105 8.03 14.32 0.58
CA LEU A 105 8.68 15.55 0.12
C LEU A 105 9.68 16.11 1.09
N SER A 106 9.62 15.71 2.35
CA SER A 106 10.65 16.09 3.31
C SER A 106 11.77 15.06 3.39
N GLY A 107 11.69 14.03 2.55
CA GLY A 107 12.72 13.00 2.54
C GLY A 107 12.58 11.92 3.58
N ALA A 108 11.38 11.79 4.16
CA ALA A 108 11.15 10.71 5.14
C ALA A 108 11.25 9.35 4.46
N HIS A 109 11.57 8.33 5.26
CA HIS A 109 11.87 7.00 4.76
C HIS A 109 11.01 5.94 5.44
N ALA A 110 9.96 5.55 4.75
CA ALA A 110 9.08 4.46 5.12
C ALA A 110 8.40 3.98 3.83
N GLN A 111 7.51 3.00 3.95
CA GLN A 111 6.97 2.36 2.76
C GLN A 111 6.17 3.30 1.88
N GLU A 112 5.26 4.07 2.45
CA GLU A 112 4.43 4.95 1.66
C GLU A 112 5.29 5.96 0.91
N GLU A 113 6.27 6.53 1.58
CA GLU A 113 7.15 7.51 0.93
C GLU A 113 7.84 6.92 -0.28
N GLY A 114 8.30 5.67 -0.15
CA GLY A 114 8.91 5.03 -1.29
C GLY A 114 7.92 4.86 -2.45
N LEU A 115 6.68 4.52 -2.13
CA LEU A 115 5.69 4.43 -3.20
C LEU A 115 5.49 5.78 -3.86
N ALA A 116 5.40 6.83 -3.06
CA ALA A 116 5.17 8.18 -3.58
C ALA A 116 6.37 8.70 -4.39
N ARG A 117 7.57 8.30 -4.04
CA ARG A 117 8.73 8.74 -4.79
C ARG A 117 8.82 8.03 -6.12
N SER A 118 8.18 6.87 -6.24
CA SER A 118 8.46 5.93 -7.35
C SER A 118 7.34 5.78 -8.35
N SER A 119 6.26 6.53 -8.19
CA SER A 119 5.06 6.23 -8.97
C SER A 119 4.19 7.47 -9.10
N GLY A 120 3.02 7.31 -9.71
CA GLY A 120 2.02 8.35 -9.70
C GLY A 120 1.08 8.39 -8.51
N LEU A 121 1.43 7.67 -7.46
CA LEU A 121 0.50 7.54 -6.34
C LEU A 121 0.11 8.88 -5.74
N TYR A 122 1.07 9.80 -5.55
CA TYR A 122 0.75 11.10 -4.95
C TYR A 122 -0.28 11.86 -5.76
N ALA A 123 -0.21 11.78 -7.09
CA ALA A 123 -1.18 12.49 -7.89
C ALA A 123 -2.60 11.97 -7.60
N SER A 124 -2.73 10.67 -7.35
CA SER A 124 -4.01 10.09 -6.97
C SER A 124 -4.46 10.52 -5.58
N LEU A 125 -3.59 10.30 -4.59
CA LEU A 125 -3.95 10.57 -3.19
C LEU A 125 -4.21 12.05 -2.93
N ARG A 126 -3.45 12.92 -3.57
CA ARG A 126 -3.61 14.35 -3.30
C ARG A 126 -4.95 14.83 -3.81
N ALA A 127 -5.60 14.08 -4.69
CA ALA A 127 -6.90 14.41 -5.23
C ALA A 127 -8.07 13.96 -4.34
N VAL A 128 -7.77 13.38 -3.18
CA VAL A 128 -8.82 12.96 -2.27
C VAL A 128 -8.72 13.66 -0.91
N PRO A 129 -8.85 14.99 -0.92
CA PRO A 129 -8.69 15.72 0.34
C PRO A 129 -9.69 15.31 1.39
N GLN A 130 -10.85 14.78 1.01
CA GLN A 130 -11.86 14.37 1.99
C GLN A 130 -11.31 13.32 2.95
N PHE A 131 -10.49 12.41 2.45
CA PHE A 131 -9.90 11.34 3.29
C PHE A 131 -9.05 11.93 4.41
N TYR A 132 -8.17 12.82 4.01
CA TYR A 132 -7.23 13.45 4.92
C TYR A 132 -7.93 14.40 5.87
N ALA A 133 -8.89 15.16 5.36
CA ALA A 133 -9.66 16.06 6.23
C ALA A 133 -10.44 15.29 7.30
N PHE A 134 -11.04 14.16 6.93
CA PHE A 134 -11.74 13.36 7.91
C PHE A 134 -10.84 13.00 9.07
N HIS A 135 -9.65 12.50 8.78
CA HIS A 135 -8.77 12.08 9.86
C HIS A 135 -8.21 13.25 10.67
N HIS A 136 -7.94 14.37 10.01
CA HIS A 136 -7.46 15.53 10.73
C HIS A 136 -8.47 15.98 11.75
N ARG A 137 -9.75 15.96 11.38
CA ARG A 137 -10.80 16.42 12.27
C ARG A 137 -11.14 15.38 13.33
N GLN A 138 -10.96 14.12 13.01
CA GLN A 138 -11.28 13.02 13.91
C GLN A 138 -10.33 12.99 15.10
N ARG A 139 -9.05 13.22 14.84
CA ARG A 139 -8.02 13.23 15.85
C ARG A 139 -8.08 12.01 16.77
N ASP A 140 -8.12 10.84 16.17
CA ASP A 140 -8.04 9.61 16.93
C ASP A 140 -7.11 8.66 16.24
N PRO A 141 -6.09 8.16 16.94
CA PRO A 141 -5.06 7.35 16.29
C PRO A 141 -5.51 5.95 15.85
N LEU A 142 -6.74 5.56 16.17
CA LEU A 142 -7.28 4.35 15.55
C LEU A 142 -7.59 4.62 14.10
N TYR A 143 -7.73 5.89 13.71
CA TYR A 143 -8.10 6.31 12.35
C TYR A 143 -9.44 5.68 11.98
N SER A 144 -9.64 5.26 10.75
CA SER A 144 -10.93 4.76 10.32
C SER A 144 -10.70 3.77 9.17
N ASP A 145 -11.79 3.12 8.76
CA ASP A 145 -11.79 2.16 7.67
C ASP A 145 -11.96 2.83 6.30
N HIS A 146 -11.90 4.16 6.20
CA HIS A 146 -11.88 4.78 4.85
C HIS A 146 -10.71 4.22 4.04
N LEU A 147 -10.93 4.02 2.74
CA LEU A 147 -9.92 3.48 1.86
C LEU A 147 -9.93 4.26 0.56
N ILE A 148 -8.76 4.56 0.04
CA ILE A 148 -8.65 5.11 -1.31
C ILE A 148 -8.18 4.02 -2.24
N TYR A 149 -8.93 3.85 -3.32
CA TYR A 149 -8.59 2.90 -4.37
C TYR A 149 -8.06 3.70 -5.55
N SER A 150 -6.84 3.35 -5.96
CA SER A 150 -6.13 4.05 -7.07
C SER A 150 -5.79 3.05 -8.17
N PRO A 151 -6.56 3.06 -9.27
CA PRO A 151 -6.35 2.06 -10.33
C PRO A 151 -5.26 2.45 -11.28
N GLY A 152 -4.48 1.50 -11.77
CA GLY A 152 -3.61 1.77 -12.89
C GLY A 152 -2.57 2.85 -12.67
N VAL A 153 -2.02 2.94 -11.46
CA VAL A 153 -1.01 3.93 -11.15
C VAL A 153 0.30 3.50 -11.81
N PRO A 154 0.92 4.38 -12.61
CA PRO A 154 2.21 4.02 -13.20
C PRO A 154 3.32 4.06 -12.14
N VAL A 155 4.17 3.05 -12.18
CA VAL A 155 5.36 2.92 -11.34
C VAL A 155 6.54 3.03 -12.27
N PHE A 156 7.47 3.93 -11.94
CA PHE A 156 8.55 4.28 -12.85
C PHE A 156 9.91 4.45 -12.17
N ARG A 157 10.10 3.93 -10.94
CA ARG A 157 11.43 3.83 -10.35
C ARG A 157 11.64 2.45 -9.76
N ASP A 158 12.89 2.01 -9.69
CA ASP A 158 13.26 0.80 -8.96
C ASP A 158 13.57 1.12 -7.50
N ASP A 159 14.07 0.12 -6.76
CA ASP A 159 14.28 0.27 -5.32
C ASP A 159 15.35 1.33 -5.02
N ALA A 160 16.26 1.52 -5.95
CA ALA A 160 17.35 2.46 -5.75
C ALA A 160 17.00 3.90 -6.15
N GLY A 161 15.83 4.09 -6.75
CA GLY A 161 15.42 5.40 -7.17
C GLY A 161 15.70 5.66 -8.64
N ARG A 162 16.24 4.66 -9.36
CA ARG A 162 16.52 4.80 -10.80
C ARG A 162 15.25 4.72 -11.62
N LEU A 163 15.12 5.64 -12.59
CA LEU A 163 13.95 5.66 -13.44
C LEU A 163 13.93 4.43 -14.34
N LEU A 164 12.75 3.91 -14.67
CA LEU A 164 12.64 2.67 -15.42
C LEU A 164 12.54 2.92 -16.90
N GLU A 165 13.16 2.03 -17.66
CA GLU A 165 13.03 2.07 -19.12
C GLU A 165 11.60 1.81 -19.55
N GLU A 166 10.92 0.96 -18.78
CA GLU A 166 9.54 0.61 -19.07
C GLU A 166 8.74 0.64 -17.77
N PRO A 167 7.90 1.62 -17.62
CA PRO A 167 7.02 1.69 -16.44
C PRO A 167 5.98 0.57 -16.46
N TYR A 168 5.45 0.26 -15.30
CA TYR A 168 4.39 -0.72 -15.18
C TYR A 168 3.29 -0.12 -14.34
N ARG A 169 2.10 -0.65 -14.41
CA ARG A 169 0.97 -0.15 -13.66
C ARG A 169 0.45 -1.13 -12.64
N VAL A 170 0.14 -0.63 -11.45
CA VAL A 170 -0.51 -1.41 -10.39
C VAL A 170 -1.64 -0.61 -9.81
N ALA A 171 -2.56 -1.27 -9.13
CA ALA A 171 -3.55 -0.58 -8.31
C ALA A 171 -3.01 -0.47 -6.90
N PHE A 172 -3.32 0.64 -6.25
CA PHE A 172 -3.02 0.81 -4.83
C PHE A 172 -4.28 0.84 -4.00
N LEU A 173 -4.15 0.30 -2.79
CA LEU A 173 -5.17 0.34 -1.76
C LEU A 173 -4.56 1.10 -0.60
N THR A 174 -5.15 2.25 -0.28
CA THR A 174 -4.60 3.15 0.73
C THR A 174 -5.49 3.12 1.95
N SER A 175 -4.98 2.52 3.01
CA SER A 175 -5.71 2.33 4.25
C SER A 175 -4.70 2.43 5.38
N PRO A 176 -4.91 3.34 6.35
CA PRO A 176 -3.92 3.43 7.45
C PRO A 176 -4.21 2.41 8.53
N ALA A 177 -3.18 1.70 8.95
CA ALA A 177 -3.29 0.84 10.12
C ALA A 177 -3.49 1.75 11.33
N PRO A 178 -4.10 1.23 12.40
CA PRO A 178 -4.16 2.03 13.63
C PRO A 178 -2.75 2.39 14.09
N ASN A 179 -2.59 3.59 14.62
CA ASN A 179 -1.32 4.04 15.14
C ASN A 179 -1.17 3.54 16.58
N ARG A 180 -0.73 2.31 16.69
CA ARG A 180 -0.57 1.68 18.00
C ARG A 180 0.47 2.39 18.85
N ARG A 181 1.48 2.96 18.22
CA ARG A 181 2.50 3.68 18.94
C ARG A 181 1.88 4.85 19.69
N ALA A 182 0.95 5.54 19.05
CA ALA A 182 0.30 6.67 19.67
C ALA A 182 -0.74 6.30 20.73
N ILE A 183 -1.36 5.14 20.56
CA ILE A 183 -2.34 4.63 21.50
C ILE A 183 -1.71 4.09 22.77
N GLY A 184 -0.53 3.49 22.64
CA GLY A 184 0.09 2.85 23.79
C GLY A 184 -0.80 1.73 24.30
N ASP A 185 -0.92 1.61 25.61
CA ASP A 185 -1.69 0.52 26.20
C ASP A 185 -3.12 0.95 26.53
N LEU A 186 -3.59 2.03 25.91
CA LEU A 186 -4.90 2.55 26.30
C LEU A 186 -6.01 1.98 25.40
N ARG A 187 -5.65 1.06 24.49
CA ARG A 187 -6.61 0.11 23.93
C ARG A 187 -6.03 -1.30 24.19
N THR A 188 -6.88 -2.29 24.38
CA THR A 188 -6.40 -3.64 24.66
C THR A 188 -5.89 -4.30 23.37
N VAL A 189 -5.14 -5.37 23.53
CA VAL A 189 -4.67 -6.20 22.41
C VAL A 189 -5.85 -6.59 21.55
N GLU A 190 -6.93 -6.99 22.19
CA GLU A 190 -8.10 -7.49 21.49
C GLU A 190 -8.84 -6.37 20.75
N GLU A 191 -8.91 -5.18 21.32
CA GLU A 191 -9.51 -4.04 20.65
C GLU A 191 -8.72 -3.73 19.38
N ILE A 192 -7.40 -3.69 19.47
CA ILE A 192 -6.57 -3.42 18.31
C ILE A 192 -6.76 -4.54 17.31
N GLY A 193 -6.83 -5.80 17.77
CA GLY A 193 -7.02 -6.91 16.87
C GLY A 193 -8.33 -6.80 16.10
N ARG A 194 -9.39 -6.40 16.76
CA ARG A 194 -10.69 -6.23 16.11
C ARG A 194 -10.63 -5.14 15.04
N VAL A 195 -9.98 -4.03 15.35
CA VAL A 195 -9.83 -2.94 14.39
C VAL A 195 -9.02 -3.43 13.18
N LEU A 196 -7.92 -4.14 13.42
CA LEU A 196 -7.08 -4.65 12.34
C LEU A 196 -7.83 -5.64 11.46
N ARG A 197 -8.59 -6.54 12.06
CA ARG A 197 -9.32 -7.52 11.30
C ARG A 197 -10.40 -6.88 10.45
N GLY A 198 -11.19 -5.97 11.03
CA GLY A 198 -12.22 -5.31 10.27
C GLY A 198 -11.70 -4.55 9.08
N ARG A 199 -10.59 -3.84 9.30
CA ARG A 199 -9.99 -3.00 8.27
C ARG A 199 -9.32 -3.81 7.19
N ALA A 200 -8.53 -4.80 7.60
CA ALA A 200 -7.93 -5.70 6.62
C ALA A 200 -8.98 -6.44 5.78
N ALA A 201 -10.09 -6.81 6.39
CA ALA A 201 -11.12 -7.47 5.63
C ALA A 201 -11.66 -6.53 4.54
N LYS A 202 -11.80 -5.26 4.88
CA LYS A 202 -12.27 -4.25 3.93
C LYS A 202 -11.27 -3.97 2.82
N VAL A 203 -9.99 -3.96 3.13
CA VAL A 203 -8.96 -3.86 2.11
C VAL A 203 -9.09 -5.02 1.11
N LEU A 204 -9.20 -6.25 1.62
CA LEU A 204 -9.33 -7.41 0.75
C LEU A 204 -10.62 -7.36 -0.04
N ALA A 205 -11.70 -6.90 0.58
CA ALA A 205 -12.95 -6.79 -0.15
C ALA A 205 -12.83 -5.81 -1.29
N ALA A 206 -12.20 -4.68 -1.06
CA ALA A 206 -12.06 -3.69 -2.14
C ALA A 206 -11.21 -4.24 -3.26
N ALA A 207 -10.14 -4.95 -2.93
CA ALA A 207 -9.27 -5.55 -3.95
C ALA A 207 -10.05 -6.53 -4.82
N ARG A 208 -10.85 -7.37 -4.18
CA ARG A 208 -11.57 -8.40 -4.91
C ARG A 208 -12.69 -7.76 -5.73
N HIS A 209 -13.37 -6.78 -5.17
CA HIS A 209 -14.45 -6.05 -5.85
C HIS A 209 -13.95 -5.41 -7.15
N HIS A 210 -12.71 -4.94 -7.15
CA HIS A 210 -12.12 -4.32 -8.32
C HIS A 210 -11.42 -5.33 -9.20
N GLY A 211 -11.63 -6.61 -8.98
CA GLY A 211 -11.18 -7.65 -9.87
C GLY A 211 -9.71 -8.08 -9.73
N HIS A 212 -9.07 -7.67 -8.66
CA HIS A 212 -7.67 -8.06 -8.45
C HIS A 212 -7.53 -9.41 -7.81
N ARG A 213 -6.93 -10.32 -8.54
CA ARG A 213 -6.70 -11.66 -8.07
C ARG A 213 -5.32 -11.87 -7.48
N ARG A 214 -4.42 -10.91 -7.68
CA ARG A 214 -3.06 -11.00 -7.13
C ARG A 214 -2.76 -9.74 -6.30
N LEU A 215 -2.28 -9.97 -5.07
N LEU A 215 -2.23 -9.92 -5.09
CA LEU A 215 -2.04 -8.94 -4.09
CA LEU A 215 -2.24 -8.87 -4.07
C LEU A 215 -0.64 -8.91 -3.60
C LEU A 215 -0.89 -8.88 -3.33
N VAL A 216 -0.21 -7.73 -3.26
CA VAL A 216 1.02 -7.54 -2.51
C VAL A 216 0.68 -6.88 -1.19
N LEU A 217 0.81 -7.64 -0.12
CA LEU A 217 0.55 -7.22 1.26
C LEU A 217 1.88 -7.26 2.01
N GLY A 218 1.86 -7.05 3.31
CA GLY A 218 3.10 -7.02 4.08
C GLY A 218 2.78 -6.64 5.52
N ALA A 219 3.81 -6.14 6.17
CA ALA A 219 3.79 -5.84 7.61
C ALA A 219 3.18 -4.48 7.91
N TRP A 220 1.99 -4.29 7.39
CA TRP A 220 1.14 -3.11 7.51
C TRP A 220 1.07 -2.66 8.96
N GLY A 221 1.42 -1.42 9.23
CA GLY A 221 1.28 -0.88 10.57
C GLY A 221 2.41 -1.20 11.53
N CYS A 222 3.40 -1.98 11.10
CA CYS A 222 4.35 -2.57 12.04
C CYS A 222 5.70 -1.87 12.15
N GLY A 223 5.82 -0.71 11.52
CA GLY A 223 7.03 0.08 11.61
C GLY A 223 6.74 1.38 12.32
N VAL A 224 6.52 2.43 11.54
CA VAL A 224 6.22 3.73 12.12
C VAL A 224 5.03 3.67 13.05
N PHE A 225 4.01 2.89 12.72
CA PHE A 225 2.81 2.80 13.57
C PHE A 225 2.87 1.78 14.72
N GLY A 226 3.95 1.03 14.83
CA GLY A 226 4.22 0.30 16.06
C GLY A 226 3.31 -0.88 16.36
N ASN A 227 2.64 -1.43 15.38
CA ASN A 227 1.87 -2.64 15.61
C ASN A 227 2.75 -3.87 15.77
N ASP A 228 2.18 -4.88 16.42
CA ASP A 228 2.87 -6.16 16.64
C ASP A 228 2.81 -7.01 15.36
N PRO A 229 3.98 -7.33 14.78
CA PRO A 229 3.88 -8.07 13.52
C PRO A 229 3.24 -9.45 13.64
N ALA A 230 3.38 -10.11 14.77
CA ALA A 230 2.66 -11.38 14.93
C ALA A 230 1.15 -11.17 14.86
N GLN A 231 0.64 -10.11 15.47
CA GLN A 231 -0.79 -9.83 15.42
C GLN A 231 -1.23 -9.44 14.01
N VAL A 232 -0.42 -8.70 13.28
CA VAL A 232 -0.84 -8.31 11.93
C VAL A 232 -0.77 -9.54 10.99
N ALA A 233 0.27 -10.37 11.12
CA ALA A 233 0.32 -11.60 10.33
C ALA A 233 -0.88 -12.48 10.66
N GLU A 234 -1.21 -12.62 11.95
CA GLU A 234 -2.36 -13.44 12.35
C GLU A 234 -3.67 -12.87 11.79
N THR A 235 -3.76 -11.56 11.71
CA THR A 235 -4.96 -10.91 11.17
C THR A 235 -5.17 -11.36 9.73
N PHE A 236 -4.13 -11.26 8.93
CA PHE A 236 -4.23 -11.72 7.53
C PHE A 236 -4.46 -13.21 7.44
N ALA A 237 -3.83 -13.98 8.33
CA ALA A 237 -4.04 -15.43 8.32
C ALA A 237 -5.48 -15.82 8.60
N GLY A 238 -6.12 -15.18 9.55
CA GLY A 238 -7.50 -15.48 9.85
C GLY A 238 -8.43 -15.19 8.69
N LEU A 239 -8.07 -14.25 7.84
CA LEU A 239 -8.86 -13.90 6.67
C LEU A 239 -8.61 -14.83 5.49
N LEU A 240 -7.37 -15.32 5.38
CA LEU A 240 -6.95 -16.04 4.18
C LEU A 240 -6.82 -17.55 4.38
N LEU A 241 -6.71 -17.99 5.62
CA LEU A 241 -6.45 -19.41 5.93
C LEU A 241 -7.57 -19.99 6.78
N ASP A 242 -7.50 -21.30 7.00
CA ASP A 242 -8.46 -22.05 7.82
C ASP A 242 -9.91 -21.68 7.56
N GLY A 243 -10.30 -21.67 6.29
CA GLY A 243 -11.68 -21.42 5.94
C GLY A 243 -12.18 -20.02 6.24
N GLY A 244 -11.26 -19.06 6.29
CA GLY A 244 -11.61 -17.68 6.55
C GLY A 244 -12.34 -17.09 5.35
N PRO A 245 -12.87 -15.87 5.49
CA PRO A 245 -13.77 -15.32 4.48
C PRO A 245 -13.15 -15.13 3.11
N PHE A 246 -11.84 -14.96 3.05
CA PHE A 246 -11.12 -14.79 1.78
C PHE A 246 -10.32 -16.03 1.36
N ALA A 247 -10.51 -17.14 2.05
CA ALA A 247 -9.79 -18.36 1.69
C ALA A 247 -10.11 -18.73 0.27
N GLY A 248 -9.07 -18.91 -0.53
CA GLY A 248 -9.22 -19.31 -1.92
C GLY A 248 -9.72 -18.27 -2.89
N ARG A 249 -9.94 -17.02 -2.45
CA ARG A 249 -10.52 -16.01 -3.30
C ARG A 249 -9.51 -15.23 -4.12
N PHE A 250 -8.25 -15.29 -3.72
CA PHE A 250 -7.20 -14.68 -4.51
C PHE A 250 -6.38 -15.78 -5.16
N ALA A 251 -5.77 -15.47 -6.29
CA ALA A 251 -4.86 -16.41 -6.97
C ALA A 251 -3.47 -16.44 -6.31
N HIS A 252 -2.99 -15.28 -5.88
CA HIS A 252 -1.62 -15.14 -5.42
C HIS A 252 -1.55 -13.96 -4.45
N VAL A 253 -1.06 -14.22 -3.26
CA VAL A 253 -0.80 -13.17 -2.27
C VAL A 253 0.65 -13.25 -1.88
N VAL A 254 1.35 -12.13 -2.01
CA VAL A 254 2.74 -12.03 -1.54
C VAL A 254 2.78 -11.11 -0.34
N PHE A 255 3.38 -11.61 0.74
CA PHE A 255 3.76 -10.76 1.87
C PHE A 255 5.19 -10.36 1.61
N ALA A 256 5.34 -9.17 1.03
CA ALA A 256 6.64 -8.63 0.68
C ALA A 256 7.09 -7.77 1.87
N VAL A 257 8.06 -8.27 2.63
CA VAL A 257 8.43 -7.64 3.88
C VAL A 257 9.92 -7.32 3.83
N TRP A 258 10.26 -6.05 3.58
CA TRP A 258 11.61 -5.54 3.48
C TRP A 258 11.89 -4.79 4.78
N ASP A 259 12.66 -5.44 5.65
CA ASP A 259 12.87 -4.96 7.00
C ASP A 259 14.38 -4.86 7.22
N THR A 260 14.91 -3.65 7.25
CA THR A 260 16.33 -3.46 7.38
C THR A 260 16.83 -3.47 8.82
N ALA A 261 15.92 -3.55 9.78
CA ALA A 261 16.37 -3.63 11.17
C ALA A 261 17.05 -4.97 11.45
N PRO A 262 17.96 -5.00 12.41
CA PRO A 262 18.66 -6.24 12.72
C PRO A 262 17.69 -7.35 13.04
N GLY A 263 17.92 -8.51 12.45
CA GLY A 263 17.02 -9.63 12.65
C GLY A 263 15.77 -9.62 11.78
N ALA A 264 15.53 -8.54 11.05
CA ALA A 264 14.34 -8.40 10.20
C ALA A 264 13.07 -8.96 10.86
N PRO A 265 12.72 -8.48 12.06
CA PRO A 265 11.67 -9.10 12.87
C PRO A 265 10.29 -9.09 12.22
N ARG A 266 9.99 -8.08 11.40
CA ARG A 266 8.70 -8.06 10.74
C ARG A 266 8.64 -9.20 9.73
N HIS A 267 9.73 -9.43 9.01
CA HIS A 267 9.78 -10.48 8.04
C HIS A 267 9.70 -11.81 8.74
N ALA A 268 10.43 -11.96 9.83
CA ALA A 268 10.41 -13.21 10.58
C ALA A 268 9.02 -13.60 11.05
N ALA A 269 8.22 -12.64 11.50
CA ALA A 269 6.87 -12.94 12.00
C ALA A 269 5.98 -13.45 10.88
N PHE A 270 6.10 -12.86 9.71
CA PHE A 270 5.31 -13.31 8.57
C PHE A 270 5.81 -14.66 8.06
N ALA A 271 7.12 -14.87 8.03
CA ALA A 271 7.69 -16.15 7.59
C ALA A 271 7.22 -17.26 8.50
N ARG A 272 7.16 -17.00 9.79
CA ARG A 272 6.71 -18.02 10.74
C ARG A 272 5.26 -18.38 10.51
N ARG A 273 4.43 -17.37 10.26
CA ARG A 273 3.01 -17.65 10.18
C ARG A 273 2.62 -18.28 8.85
N PHE A 274 3.27 -17.89 7.76
CA PHE A 274 2.87 -18.32 6.43
C PHE A 274 3.89 -19.24 5.76
N1 AR6 B . 8.42 -2.73 1.18
C2 AR6 B . 8.03 -3.71 1.98
N3 AR6 B . 8.08 -3.70 3.35
C4 AR6 B . 8.57 -2.55 3.86
C5 AR6 B . 9.01 -1.45 3.03
C6 AR6 B . 8.90 -1.62 1.67
N6 AR6 B . 9.32 -0.61 0.82
N7 AR6 B . 9.44 -0.42 3.94
C8 AR6 B . 9.31 -0.90 5.14
N9 AR6 B . 8.80 -2.16 5.18
PA AR6 B . 5.99 1.30 7.57
PB AR6 B . 3.42 1.68 9.03
C1' AR6 B . 8.46 -3.04 6.29
O1A AR6 B . 6.72 1.65 8.81
O1B AR6 B . 2.04 1.28 8.54
C1D AR6 B . 4.76 6.35 6.79
O1D AR6 B . 5.42 7.54 7.12
C2' AR6 B . 9.24 -2.78 7.55
O2' AR6 B . 9.48 -3.98 8.23
O2A AR6 B . 6.28 2.10 6.32
O2B AR6 B . 3.92 1.06 10.29
C2D AR6 B . 3.37 6.69 6.46
O2D AR6 B . 3.16 7.76 5.60
C3' AR6 B . 8.31 -1.92 8.34
O3' AR6 B . 8.48 -2.07 9.71
O3A AR6 B . 4.42 1.28 7.85
C3D AR6 B . 2.63 6.55 7.72
O3D AR6 B . 2.72 7.81 8.32
C4' AR6 B . 6.94 -2.38 7.92
O4' AR6 B . 7.09 -2.96 6.64
C4D AR6 B . 3.42 5.50 8.43
O4D AR6 B . 4.74 5.50 7.91
C5' AR6 B . 5.87 -1.31 7.89
O5' AR6 B . 6.27 -0.22 7.09
C5D AR6 B . 2.81 4.10 8.34
O5D AR6 B . 3.56 3.24 9.17
H1D AR6 B . 5.19 5.92 6.02
H2D AR6 B . 2.97 6.28 5.69
HO2D AR6 B . 2.71 7.48 4.88
H3' AR6 B . 8.43 -1.01 8.09
HO3' AR6 B . 8.44 -1.26 10.10
H3D AR6 B . 1.73 6.26 7.56
HO3D AR6 B . 1.98 8.27 8.16
H4' AR6 B . 6.66 -3.05 8.56
H4D AR6 B . 3.42 5.73 9.38
H5' AR6 B . 5.03 -1.68 7.54
H5'A AR6 B . 5.70 -0.99 8.81
H5D AR6 B . 2.86 3.79 7.41
H5DA AR6 B . 1.88 4.12 8.62
HD1 AR6 B . 6.15 7.63 6.63
#